data_2VX8
#
_entry.id   2VX8
#
_cell.length_a   105.514
_cell.length_b   115.102
_cell.length_c   55.440
_cell.angle_alpha   90.00
_cell.angle_beta   90.00
_cell.angle_gamma   90.00
#
_symmetry.space_group_name_H-M   'P 21 21 2'
#
loop_
_entity.id
_entity.type
_entity.pdbx_description
1 polymer 'NUCLEOPORIN-LIKE PROTEIN RIP, VESICLE-ASSOCIATED MEMBRANE PROTEIN 7'
2 non-polymer 'CHLORIDE ION'
3 water water
#
_entity_poly.entity_id   1
_entity_poly.type   'polypeptide(L)'
_entity_poly.pdbx_seq_one_letter_code
;GSVASVHASISGSSASSTSSTPEVKPLKSLLGDSAPTLHLNKGMAILFAVVARGTTILAKHAWCGGNFLEVTEQILAKIP
SENNKLTYSHGNYLFHYICQDRIVYLCITDDDFERSRAFSFLNEVKKRFQTTYGSRAQTALPYAMNSEFSSVLAAQLKHH
SENHHHHHH
;
_entity_poly.pdbx_strand_id   A,B,C,D
#
loop_
_chem_comp.id
_chem_comp.type
_chem_comp.name
_chem_comp.formula
CL non-polymer 'CHLORIDE ION' 'Cl -1'
#
# COMPACT_ATOMS: atom_id res chain seq x y z
N THR A 21 -6.23 0.85 -20.67
CA THR A 21 -5.32 1.25 -19.52
C THR A 21 -5.35 0.26 -18.38
N PRO A 22 -4.16 -0.22 -17.96
CA PRO A 22 -4.13 -1.15 -16.80
C PRO A 22 -4.75 -0.48 -15.58
N GLU A 23 -5.31 -1.28 -14.69
CA GLU A 23 -5.90 -0.83 -13.49
C GLU A 23 -4.87 -0.20 -12.53
N VAL A 24 -5.37 0.67 -11.65
CA VAL A 24 -4.55 1.35 -10.73
C VAL A 24 -5.04 1.00 -9.34
N LYS A 25 -4.20 0.40 -8.50
CA LYS A 25 -4.63 0.08 -7.14
C LYS A 25 -3.68 0.73 -6.10
N PRO A 26 -4.14 0.93 -4.87
CA PRO A 26 -3.17 1.44 -3.92
C PRO A 26 -2.12 0.36 -3.55
N LEU A 27 -0.90 0.79 -3.21
CA LEU A 27 0.22 -0.14 -3.00
C LEU A 27 -0.04 -0.88 -1.70
N LYS A 28 -0.82 -0.27 -0.80
CA LYS A 28 -1.10 -0.96 0.46
C LYS A 28 -1.94 -2.23 0.27
N SER A 29 -2.58 -2.35 -0.89
CA SER A 29 -3.37 -3.51 -1.08
C SER A 29 -2.39 -4.71 -1.37
N LEU A 30 -1.23 -4.40 -1.97
CA LEU A 30 -0.23 -5.42 -2.20
C LEU A 30 0.68 -5.59 -0.97
N LEU A 31 1.05 -4.53 -0.33
CA LEU A 31 2.10 -4.66 0.63
C LEU A 31 1.72 -4.58 2.08
N GLY A 32 0.49 -4.21 2.39
CA GLY A 32 0.12 -3.84 3.76
C GLY A 32 0.44 -2.36 4.05
N ASP A 33 0.27 -1.93 5.29
CA ASP A 33 0.57 -0.54 5.66
C ASP A 33 2.07 -0.31 5.67
N SER A 34 2.57 0.35 4.62
CA SER A 34 4.01 0.58 4.42
C SER A 34 4.62 1.45 5.52
N ALA A 35 4.56 2.79 5.36
CA ALA A 35 5.29 3.84 6.18
C ALA A 35 6.00 4.81 5.17
N PRO A 36 7.20 5.45 5.51
CA PRO A 36 7.63 6.65 4.68
C PRO A 36 8.14 6.39 3.22
N THR A 37 9.33 5.81 3.13
CA THR A 37 9.84 5.15 1.91
C THR A 37 10.46 5.95 0.74
N LEU A 38 9.73 6.55 -0.19
CA LEU A 38 10.48 7.10 -1.35
C LEU A 38 10.99 8.55 -1.21
N HIS A 39 12.31 8.73 -1.38
CA HIS A 39 12.91 10.06 -1.22
C HIS A 39 13.87 10.54 -2.37
N LEU A 40 13.35 11.33 -3.31
CA LEU A 40 14.19 12.09 -4.26
C LEU A 40 15.04 13.04 -3.46
N ASN A 41 14.86 12.95 -2.14
CA ASN A 41 15.20 14.04 -1.23
C ASN A 41 15.82 13.57 0.09
N LYS A 42 16.51 12.42 0.06
CA LYS A 42 17.01 11.72 1.25
C LYS A 42 16.29 12.24 2.52
N GLY A 43 14.94 12.22 2.45
CA GLY A 43 14.06 12.89 3.44
C GLY A 43 13.16 13.87 2.70
N MET A 44 12.61 14.86 3.45
CA MET A 44 11.65 15.93 3.00
C MET A 44 11.45 16.20 1.50
N ALA A 45 10.20 16.31 1.07
CA ALA A 45 9.87 16.46 -0.36
C ALA A 45 10.09 17.88 -0.92
N ILE A 46 11.23 18.48 -0.56
CA ILE A 46 11.66 19.77 -1.11
C ILE A 46 12.47 19.55 -2.36
N LEU A 47 12.09 20.11 -3.49
CA LEU A 47 12.83 19.84 -4.72
C LEU A 47 14.05 20.72 -4.91
N PHE A 48 14.04 21.91 -4.34
CA PHE A 48 15.15 22.86 -4.64
C PHE A 48 15.18 23.87 -3.56
N ALA A 49 16.35 24.41 -3.27
CA ALA A 49 16.46 25.40 -2.23
C ALA A 49 17.59 26.30 -2.55
N VAL A 50 17.47 27.57 -2.21
CA VAL A 50 18.47 28.51 -2.62
C VAL A 50 18.56 29.67 -1.64
N VAL A 51 19.75 30.27 -1.60
CA VAL A 51 20.02 31.55 -0.91
C VAL A 51 20.58 32.55 -1.91
N ALA A 52 19.94 33.72 -2.02
CA ALA A 52 20.32 34.63 -3.06
C ALA A 52 20.33 36.07 -2.55
N ARG A 53 21.13 36.95 -3.20
CA ARG A 53 21.14 38.40 -2.93
C ARG A 53 20.76 39.00 -4.26
N GLY A 54 19.59 39.63 -4.36
CA GLY A 54 19.02 40.08 -5.68
C GLY A 54 18.99 38.81 -6.56
N THR A 55 19.61 38.86 -7.72
CA THR A 55 19.71 37.67 -8.50
C THR A 55 21.04 36.92 -8.36
N THR A 56 21.83 37.23 -7.33
CA THR A 56 23.11 36.49 -7.19
C THR A 56 22.85 35.33 -6.29
N ILE A 57 22.96 34.11 -6.80
CA ILE A 57 22.70 32.94 -5.95
C ILE A 57 23.97 32.70 -5.12
N LEU A 58 23.85 32.53 -3.81
CA LEU A 58 25.00 32.29 -2.94
C LEU A 58 25.24 30.81 -2.64
N ALA A 59 24.12 30.10 -2.56
CA ALA A 59 24.19 28.67 -2.34
C ALA A 59 22.90 28.05 -2.86
N LYS A 60 22.96 26.81 -3.35
CA LYS A 60 21.77 26.18 -3.88
C LYS A 60 21.85 24.70 -3.65
N HIS A 61 20.72 24.01 -3.68
CA HIS A 61 20.74 22.53 -3.67
C HIS A 61 19.46 21.98 -4.35
N ALA A 62 19.65 21.00 -5.25
CA ALA A 62 18.56 20.37 -6.01
C ALA A 62 18.47 18.89 -5.63
N TRP A 63 17.25 18.37 -5.65
CA TRP A 63 17.04 16.96 -5.30
C TRP A 63 16.80 16.11 -6.56
N CYS A 64 16.70 16.76 -7.72
CA CYS A 64 16.63 16.05 -8.97
C CYS A 64 17.11 17.05 -9.97
N GLY A 65 17.15 16.64 -11.21
CA GLY A 65 17.59 17.48 -12.32
C GLY A 65 16.44 18.38 -12.82
N GLY A 66 16.82 19.49 -13.43
CA GLY A 66 15.88 20.32 -14.17
C GLY A 66 16.30 21.76 -14.26
N ASN A 67 15.40 22.60 -14.75
CA ASN A 67 15.75 23.98 -15.04
C ASN A 67 15.48 24.90 -13.85
N PHE A 68 15.76 24.44 -12.62
CA PHE A 68 15.51 25.28 -11.41
C PHE A 68 16.17 26.67 -11.35
N LEU A 69 17.41 26.72 -11.79
CA LEU A 69 18.14 27.96 -11.81
C LEU A 69 17.58 28.95 -12.81
N GLU A 70 17.31 28.54 -14.02
CA GLU A 70 16.85 29.52 -14.99
C GLU A 70 15.48 30.10 -14.54
N VAL A 71 14.60 29.25 -14.01
CA VAL A 71 13.28 29.67 -13.63
C VAL A 71 13.41 30.57 -12.41
N THR A 72 14.13 30.07 -11.39
CA THR A 72 14.26 30.79 -10.13
C THR A 72 14.85 32.23 -10.36
N GLU A 73 15.79 32.40 -11.30
CA GLU A 73 16.40 33.73 -11.48
C GLU A 73 15.35 34.73 -11.99
N GLN A 74 14.44 34.25 -12.81
CA GLN A 74 13.31 35.04 -13.33
C GLN A 74 12.42 35.53 -12.22
N ILE A 75 12.25 34.72 -11.20
CA ILE A 75 11.44 35.12 -10.03
C ILE A 75 12.25 36.06 -9.15
N LEU A 76 13.49 35.67 -8.93
CA LEU A 76 14.34 36.50 -8.08
C LEU A 76 14.52 37.90 -8.66
N ALA A 77 14.59 38.05 -9.99
CA ALA A 77 14.78 39.36 -10.64
C ALA A 77 13.69 40.30 -10.22
N LYS A 78 12.51 39.77 -9.83
CA LYS A 78 11.34 40.60 -9.57
C LYS A 78 10.93 40.61 -8.10
N ILE A 79 11.40 39.72 -7.27
CA ILE A 79 11.06 39.81 -5.84
C ILE A 79 11.77 41.06 -5.32
N PRO A 80 11.02 41.96 -4.67
CA PRO A 80 11.67 43.11 -4.06
C PRO A 80 12.53 42.77 -2.82
N SER A 81 13.36 43.74 -2.40
CA SER A 81 14.34 43.57 -1.34
C SER A 81 13.81 43.68 0.05
N GLU A 82 12.51 44.01 0.20
CA GLU A 82 12.02 44.27 1.55
C GLU A 82 11.74 43.01 2.32
N ASN A 83 11.80 43.05 3.64
CA ASN A 83 11.47 41.87 4.40
C ASN A 83 10.04 41.43 4.04
N ASN A 84 9.85 40.15 3.75
CA ASN A 84 8.54 39.61 3.41
C ASN A 84 8.63 38.09 3.51
N LYS A 85 7.49 37.43 3.61
CA LYS A 85 7.43 35.96 3.51
C LYS A 85 6.23 35.66 2.62
N LEU A 86 6.34 34.73 1.66
CA LEU A 86 5.27 34.56 0.69
C LEU A 86 5.44 33.26 -0.07
N THR A 87 4.32 32.67 -0.52
CA THR A 87 4.40 31.53 -1.44
C THR A 87 3.80 31.93 -2.78
N TYR A 88 4.48 31.71 -3.88
CA TYR A 88 3.83 31.73 -5.19
C TYR A 88 3.47 30.32 -5.69
N SER A 89 2.34 30.18 -6.41
CA SER A 89 1.99 28.92 -7.02
C SER A 89 2.11 29.05 -8.51
N HIS A 90 2.48 27.97 -9.19
CA HIS A 90 2.49 27.95 -10.62
C HIS A 90 2.48 26.51 -11.03
N GLY A 91 1.59 26.12 -11.92
CA GLY A 91 1.38 24.69 -12.29
C GLY A 91 1.25 23.77 -11.08
N ASN A 92 2.12 22.76 -11.06
CA ASN A 92 2.16 21.73 -10.01
C ASN A 92 2.96 22.18 -8.81
N TYR A 93 3.47 23.40 -8.82
CA TYR A 93 4.50 23.75 -7.82
C TYR A 93 4.21 24.94 -6.97
N LEU A 94 4.96 25.05 -5.86
CA LEU A 94 4.92 26.17 -4.93
C LEU A 94 6.36 26.67 -4.69
N PHE A 95 6.55 28.01 -4.80
CA PHE A 95 7.77 28.66 -4.56
C PHE A 95 7.58 29.49 -3.26
N HIS A 96 8.22 29.10 -2.15
CA HIS A 96 8.05 29.73 -0.84
C HIS A 96 9.30 30.51 -0.61
N TYR A 97 9.21 31.72 -0.03
CA TYR A 97 10.45 32.46 0.19
C TYR A 97 10.28 33.29 1.42
N ILE A 98 11.43 33.57 2.04
CA ILE A 98 11.57 34.58 3.10
C ILE A 98 12.68 35.51 2.64
N CYS A 99 12.43 36.82 2.66
CA CYS A 99 13.43 37.82 2.41
C CYS A 99 13.65 38.49 3.74
N GLN A 100 14.91 38.47 4.19
CA GLN A 100 15.34 39.24 5.41
C GLN A 100 16.71 39.84 5.17
N ASP A 101 16.84 41.13 5.50
CA ASP A 101 18.06 41.90 5.22
C ASP A 101 18.57 41.74 3.82
N ARG A 102 17.65 41.83 2.87
CA ARG A 102 17.99 41.76 1.45
C ARG A 102 18.47 40.39 0.98
N ILE A 103 18.39 39.40 1.84
CA ILE A 103 18.75 38.05 1.40
C ILE A 103 17.43 37.29 1.31
N VAL A 104 17.28 36.48 0.23
CA VAL A 104 16.12 35.66 -0.05
C VAL A 104 16.51 34.20 0.17
N TYR A 105 15.68 33.49 0.95
CA TYR A 105 15.80 32.10 1.16
C TYR A 105 14.59 31.53 0.45
N LEU A 106 14.82 30.68 -0.55
CA LEU A 106 13.71 30.17 -1.33
C LEU A 106 13.73 28.64 -1.45
N CYS A 107 12.54 28.02 -1.43
CA CYS A 107 12.43 26.61 -1.75
C CYS A 107 11.22 26.30 -2.61
N ILE A 108 11.32 25.20 -3.31
CA ILE A 108 10.31 24.76 -4.23
C ILE A 108 9.73 23.40 -3.80
N THR A 109 8.41 23.26 -3.70
CA THR A 109 7.85 21.94 -3.40
C THR A 109 6.73 21.71 -4.39
N ASP A 110 6.02 20.60 -4.31
CA ASP A 110 4.77 20.52 -5.06
C ASP A 110 3.61 21.10 -4.27
N ASP A 111 2.43 20.93 -4.84
CA ASP A 111 1.18 21.50 -4.34
C ASP A 111 0.71 20.81 -3.11
N ASP A 112 1.10 19.56 -2.93
CA ASP A 112 0.57 18.85 -1.80
C ASP A 112 1.43 18.99 -0.56
N PHE A 113 2.54 19.73 -0.63
CA PHE A 113 3.43 19.96 0.54
C PHE A 113 2.80 20.92 1.55
N GLU A 114 2.80 20.53 2.80
CA GLU A 114 2.30 21.38 3.88
C GLU A 114 3.14 22.64 3.97
N ARG A 115 2.51 23.78 3.75
CA ARG A 115 3.25 25.05 3.61
C ARG A 115 3.98 25.50 4.87
N SER A 116 3.41 25.27 6.04
CA SER A 116 4.12 25.58 7.30
C SER A 116 5.45 24.82 7.45
N ARG A 117 5.50 23.57 6.98
CA ARG A 117 6.75 22.82 6.92
C ARG A 117 7.76 23.55 5.98
N ALA A 118 7.33 24.17 4.88
CA ALA A 118 8.32 24.89 4.03
C ALA A 118 8.93 26.04 4.80
N PHE A 119 8.12 26.82 5.51
CA PHE A 119 8.65 28.02 6.20
C PHE A 119 9.46 27.63 7.41
N SER A 120 9.10 26.51 8.03
CA SER A 120 9.91 26.17 9.20
C SER A 120 11.28 25.71 8.69
N PHE A 121 11.30 24.91 7.64
CA PHE A 121 12.55 24.65 6.96
C PHE A 121 13.32 25.95 6.53
N LEU A 122 12.65 26.89 5.88
CA LEU A 122 13.39 28.09 5.47
C LEU A 122 13.88 28.92 6.67
N ASN A 123 13.11 28.93 7.74
CA ASN A 123 13.53 29.69 8.95
C ASN A 123 14.77 29.07 9.57
N GLU A 124 14.81 27.74 9.60
CA GLU A 124 16.01 27.03 10.09
C GLU A 124 17.17 27.41 9.24
N VAL A 125 16.98 27.37 7.91
CA VAL A 125 18.04 27.72 6.96
C VAL A 125 18.56 29.15 7.13
N LYS A 126 17.63 30.09 7.27
CA LYS A 126 18.00 31.49 7.45
C LYS A 126 18.86 31.66 8.71
N LYS A 127 18.40 31.11 9.83
CA LYS A 127 19.15 31.22 11.10
C LYS A 127 20.65 30.87 10.94
N ARG A 128 20.89 29.69 10.36
CA ARG A 128 22.24 29.20 10.19
C ARG A 128 23.02 30.06 9.25
N PHE A 129 22.39 30.48 8.14
CA PHE A 129 23.10 31.28 7.17
C PHE A 129 23.43 32.64 7.81
N GLN A 130 22.52 33.17 8.64
CA GLN A 130 22.84 34.39 9.38
C GLN A 130 24.06 34.24 10.32
N THR A 131 23.95 33.30 11.26
CA THR A 131 25.00 32.91 12.20
C THR A 131 26.34 32.79 11.44
N THR A 132 26.41 31.86 10.51
CA THR A 132 27.64 31.60 9.80
C THR A 132 28.17 32.77 8.93
N TYR A 133 27.36 33.32 8.05
CA TYR A 133 27.98 34.19 7.08
C TYR A 133 27.62 35.65 7.25
N GLY A 134 27.27 35.99 8.48
CA GLY A 134 27.00 37.36 8.89
C GLY A 134 26.51 38.20 7.72
N SER A 135 27.24 39.29 7.45
CA SER A 135 26.75 40.23 6.48
C SER A 135 27.73 40.24 5.34
N ARG A 136 28.73 39.32 5.41
CA ARG A 136 29.47 38.96 4.19
C ARG A 136 28.51 38.61 3.06
N ALA A 137 27.27 38.25 3.44
CA ALA A 137 26.24 37.94 2.42
C ALA A 137 26.05 39.07 1.46
N GLN A 138 26.27 40.31 1.93
CA GLN A 138 25.95 41.45 1.08
C GLN A 138 26.97 41.63 0.05
N THR A 139 28.15 41.06 0.27
CA THR A 139 29.24 41.32 -0.73
C THR A 139 29.76 40.04 -1.43
N ALA A 140 29.49 38.88 -0.82
CA ALA A 140 29.96 37.57 -1.37
C ALA A 140 29.54 37.29 -2.84
N LEU A 141 30.47 36.72 -3.61
CA LEU A 141 30.25 36.42 -5.03
C LEU A 141 29.23 35.29 -5.21
N PRO A 142 28.73 35.11 -6.43
CA PRO A 142 27.85 33.97 -6.70
C PRO A 142 28.57 32.73 -6.23
N TYR A 143 27.84 31.84 -5.56
CA TYR A 143 28.30 30.50 -5.16
C TYR A 143 29.36 30.48 -4.11
N ALA A 144 29.55 31.63 -3.45
CA ALA A 144 30.66 31.71 -2.49
C ALA A 144 30.35 30.96 -1.23
N MET A 145 29.09 30.64 -0.94
CA MET A 145 28.84 29.73 0.18
C MET A 145 28.40 28.31 -0.20
N ASN A 146 28.56 27.97 -1.47
CA ASN A 146 27.89 26.78 -2.00
C ASN A 146 28.48 25.47 -1.49
N SER A 147 29.83 25.34 -1.57
CA SER A 147 30.50 24.09 -1.03
C SER A 147 30.17 23.88 0.40
N GLU A 148 30.40 24.88 1.25
CA GLU A 148 30.05 24.73 2.64
C GLU A 148 28.55 24.66 2.90
N PHE A 149 27.78 25.57 2.31
CA PHE A 149 26.36 25.65 2.69
C PHE A 149 25.42 24.61 2.04
N SER A 150 25.60 24.27 0.76
CA SER A 150 24.72 23.23 0.17
C SER A 150 24.55 21.96 1.04
N SER A 151 25.58 21.57 1.79
CA SER A 151 25.43 20.37 2.63
C SER A 151 25.06 20.67 4.06
N VAL A 152 24.15 21.65 4.18
CA VAL A 152 23.36 21.98 5.38
C VAL A 152 21.92 22.17 4.89
N LEU A 153 21.79 22.78 3.69
CA LEU A 153 20.55 22.84 2.91
C LEU A 153 20.13 21.41 2.71
N ALA A 154 21.10 20.57 2.34
CA ALA A 154 20.85 19.16 2.10
C ALA A 154 20.29 18.45 3.32
N ALA A 155 20.75 18.83 4.51
CA ALA A 155 20.39 18.10 5.74
C ALA A 155 19.14 18.63 6.46
N GLN A 156 18.02 18.64 5.72
CA GLN A 156 16.64 18.66 6.27
C GLN A 156 15.70 18.14 5.18
N SER B 20 1.62 32.94 11.93
CA SER B 20 0.56 32.38 11.05
C SER B 20 1.17 32.23 9.67
N THR B 21 0.83 31.13 8.99
CA THR B 21 1.34 30.87 7.64
C THR B 21 1.11 32.02 6.64
N PRO B 22 2.14 32.37 5.85
CA PRO B 22 2.11 33.41 4.82
C PRO B 22 1.10 33.15 3.68
N GLU B 23 0.67 34.20 3.02
CA GLU B 23 -0.28 34.11 1.89
C GLU B 23 0.24 33.22 0.72
N VAL B 24 -0.66 32.65 -0.08
CA VAL B 24 -0.23 32.08 -1.34
C VAL B 24 -0.84 32.87 -2.46
N LYS B 25 -0.05 33.27 -3.45
CA LYS B 25 -0.59 34.00 -4.59
C LYS B 25 -0.12 33.32 -5.82
N PRO B 26 -0.82 33.51 -6.93
CA PRO B 26 -0.30 33.03 -8.19
C PRO B 26 0.99 33.73 -8.63
N LEU B 27 1.89 32.94 -9.23
CA LEU B 27 3.15 33.53 -9.67
C LEU B 27 2.90 34.55 -10.80
N LYS B 28 1.92 34.28 -11.63
CA LYS B 28 1.52 35.26 -12.66
C LYS B 28 1.16 36.61 -12.10
N SER B 29 0.84 36.72 -10.83
CA SER B 29 0.57 38.04 -10.27
C SER B 29 1.83 38.95 -10.22
N LEU B 30 3.02 38.31 -10.20
CA LEU B 30 4.31 39.02 -10.19
C LEU B 30 4.85 39.10 -11.60
N LEU B 31 4.81 38.01 -12.38
CA LEU B 31 5.46 37.99 -13.69
C LEU B 31 4.49 37.98 -14.85
N GLY B 32 3.19 37.89 -14.60
CA GLY B 32 2.26 37.88 -15.78
C GLY B 32 2.24 36.57 -16.49
N ASP B 33 1.73 36.55 -17.70
CA ASP B 33 1.42 35.30 -18.38
C ASP B 33 2.67 34.62 -18.93
N SER B 34 3.78 35.38 -19.04
CA SER B 34 5.04 34.75 -19.43
C SER B 34 5.78 34.17 -18.22
N ALA B 35 5.16 34.07 -17.04
CA ALA B 35 5.79 33.41 -15.93
C ALA B 35 6.39 32.10 -16.51
N PRO B 36 7.67 31.80 -16.14
CA PRO B 36 8.34 30.62 -16.68
C PRO B 36 7.76 29.31 -16.09
N THR B 37 8.08 28.19 -16.68
CA THR B 37 7.58 26.88 -16.22
C THR B 37 8.76 25.93 -15.97
N LEU B 38 8.70 25.22 -14.86
CA LEU B 38 9.71 24.21 -14.51
C LEU B 38 9.55 23.01 -15.37
N HIS B 39 10.67 22.54 -15.92
CA HIS B 39 10.72 21.27 -16.69
C HIS B 39 11.70 20.37 -15.96
N LEU B 40 11.20 19.47 -15.13
CA LEU B 40 12.09 18.68 -14.32
C LEU B 40 12.45 17.34 -15.00
N ASN B 41 13.61 16.81 -14.66
CA ASN B 41 13.95 15.45 -15.05
C ASN B 41 13.89 15.29 -16.55
N LYS B 42 14.46 16.25 -17.26
CA LYS B 42 14.41 16.24 -18.71
C LYS B 42 12.99 16.26 -19.32
N GLY B 43 12.01 16.86 -18.66
CA GLY B 43 10.70 16.84 -19.29
C GLY B 43 10.00 15.48 -19.20
N MET B 44 10.43 14.59 -18.30
CA MET B 44 9.86 13.27 -18.33
C MET B 44 9.60 12.78 -16.87
N ALA B 45 8.62 11.87 -16.63
CA ALA B 45 8.20 11.43 -15.28
C ALA B 45 8.90 10.16 -14.67
N ILE B 46 9.58 9.40 -15.50
CA ILE B 46 10.21 8.14 -15.01
C ILE B 46 11.47 8.44 -14.21
N LEU B 47 11.48 8.01 -12.95
CA LEU B 47 12.68 8.17 -12.10
C LEU B 47 13.52 6.88 -12.04
N PHE B 48 12.95 5.74 -12.44
CA PHE B 48 13.56 4.43 -12.15
C PHE B 48 12.87 3.38 -12.97
N ALA B 49 13.66 2.50 -13.55
CA ALA B 49 13.17 1.38 -14.32
C ALA B 49 14.08 0.12 -14.02
N VAL B 50 13.46 -1.06 -13.99
CA VAL B 50 14.18 -2.32 -13.83
C VAL B 50 13.66 -3.39 -14.77
N VAL B 51 14.56 -4.32 -15.12
CA VAL B 51 14.21 -5.61 -15.69
C VAL B 51 14.59 -6.64 -14.57
N ALA B 52 13.64 -7.46 -14.21
CA ALA B 52 13.70 -8.41 -13.13
C ALA B 52 13.08 -9.81 -13.53
N ARG B 53 13.56 -10.85 -12.89
CA ARG B 53 12.86 -12.15 -12.97
C ARG B 53 12.57 -12.59 -11.54
N GLY B 54 11.30 -12.75 -11.18
CA GLY B 54 10.95 -12.91 -9.73
C GLY B 54 11.58 -11.79 -8.88
N THR B 55 12.44 -12.12 -7.90
CA THR B 55 13.07 -11.06 -7.12
C THR B 55 14.46 -10.67 -7.62
N THR B 56 14.89 -11.26 -8.74
CA THR B 56 16.20 -10.97 -9.28
C THR B 56 16.19 -9.84 -10.31
N ILE B 57 16.88 -8.75 -9.98
CA ILE B 57 16.98 -7.66 -10.91
C ILE B 57 18.13 -7.95 -11.84
N LEU B 58 17.84 -7.98 -13.13
CA LEU B 58 18.82 -8.17 -14.17
C LEU B 58 19.48 -6.93 -14.68
N ALA B 59 18.68 -5.85 -14.70
CA ALA B 59 19.17 -4.51 -15.15
C ALA B 59 18.33 -3.39 -14.50
N LYS B 60 18.94 -2.25 -14.31
CA LYS B 60 18.26 -1.15 -13.63
C LYS B 60 18.87 0.17 -14.13
N HIS B 61 18.07 1.24 -14.02
CA HIS B 61 18.59 2.59 -14.28
C HIS B 61 17.76 3.56 -13.41
N ALA B 62 18.46 4.45 -12.71
CA ALA B 62 17.83 5.51 -11.95
C ALA B 62 18.12 6.89 -12.63
N TRP B 63 17.11 7.76 -12.66
CA TRP B 63 17.29 9.06 -13.30
C TRP B 63 17.58 10.12 -12.23
N CYS B 64 17.31 9.81 -10.97
CA CYS B 64 17.80 10.61 -9.88
C CYS B 64 18.01 9.69 -8.68
N GLY B 65 18.57 10.24 -7.60
CA GLY B 65 18.84 9.52 -6.36
C GLY B 65 17.54 9.25 -5.67
N GLY B 66 17.41 8.04 -5.11
CA GLY B 66 16.19 7.65 -4.40
C GLY B 66 16.46 6.27 -3.85
N ASN B 67 15.68 5.86 -2.87
CA ASN B 67 15.80 4.48 -2.37
C ASN B 67 14.77 3.56 -3.07
N PHE B 68 14.89 3.50 -4.39
CA PHE B 68 13.99 2.76 -5.28
C PHE B 68 14.12 1.24 -5.12
N LEU B 69 15.36 0.76 -5.02
CA LEU B 69 15.58 -0.69 -4.87
C LEU B 69 14.82 -1.41 -3.78
N GLU B 70 14.92 -0.92 -2.54
CA GLU B 70 14.31 -1.61 -1.42
C GLU B 70 12.83 -1.84 -1.63
N VAL B 71 12.07 -0.84 -2.04
CA VAL B 71 10.58 -0.99 -2.14
C VAL B 71 10.27 -1.82 -3.40
N THR B 72 11.06 -1.62 -4.42
CA THR B 72 10.92 -2.35 -5.66
C THR B 72 11.05 -3.84 -5.36
N GLU B 73 12.06 -4.26 -4.58
CA GLU B 73 12.15 -5.67 -4.26
C GLU B 73 10.96 -6.11 -3.47
N GLN B 74 10.47 -5.26 -2.56
CA GLN B 74 9.25 -5.66 -1.84
C GLN B 74 8.13 -5.96 -2.80
N ILE B 75 7.96 -5.13 -3.86
CA ILE B 75 6.85 -5.34 -4.81
C ILE B 75 7.11 -6.60 -5.61
N LEU B 76 8.37 -6.79 -6.06
CA LEU B 76 8.72 -7.89 -6.89
C LEU B 76 8.51 -9.16 -6.19
N ALA B 77 8.60 -9.15 -4.87
CA ALA B 77 8.44 -10.41 -4.17
C ALA B 77 6.99 -10.79 -3.99
N LYS B 78 6.08 -9.80 -4.03
CA LYS B 78 4.67 -10.04 -3.76
C LYS B 78 3.83 -10.24 -5.01
N ILE B 79 4.32 -9.81 -6.17
CA ILE B 79 3.46 -9.86 -7.30
C ILE B 79 3.51 -11.29 -7.89
N PRO B 80 2.40 -11.75 -8.49
CA PRO B 80 2.34 -13.00 -9.26
C PRO B 80 3.30 -12.99 -10.41
N SER B 81 3.68 -14.20 -10.82
CA SER B 81 4.50 -14.43 -12.00
C SER B 81 3.72 -14.65 -13.31
N GLU B 82 2.38 -14.76 -13.25
CA GLU B 82 1.53 -14.87 -14.47
C GLU B 82 1.63 -13.56 -15.25
N ASN B 83 1.48 -13.59 -16.58
CA ASN B 83 1.31 -12.39 -17.37
C ASN B 83 0.30 -11.39 -16.75
N ASN B 84 0.65 -10.10 -16.75
CA ASN B 84 -0.28 -9.06 -16.27
C ASN B 84 0.29 -7.67 -16.46
N LYS B 85 -0.57 -6.66 -16.27
CA LYS B 85 -0.20 -5.25 -16.25
C LYS B 85 -1.00 -4.59 -15.17
N LEU B 86 -0.32 -3.73 -14.43
CA LEU B 86 -0.90 -3.09 -13.27
C LEU B 86 -0.03 -1.87 -12.88
N THR B 87 -0.70 -0.92 -12.20
CA THR B 87 -0.08 0.23 -11.60
C THR B 87 -0.47 0.26 -10.13
N TYR B 88 0.54 0.42 -9.25
CA TYR B 88 0.32 0.71 -7.83
C TYR B 88 0.66 2.16 -7.52
N SER B 89 -0.15 2.80 -6.71
CA SER B 89 0.08 4.18 -6.43
C SER B 89 0.60 4.28 -5.01
N HIS B 90 1.57 5.14 -4.78
CA HIS B 90 1.87 5.44 -3.35
C HIS B 90 2.39 6.87 -3.21
N GLY B 91 1.76 7.67 -2.36
CA GLY B 91 2.13 9.07 -2.12
C GLY B 91 2.12 9.76 -3.49
N ASN B 92 3.25 10.32 -3.89
CA ASN B 92 3.37 11.03 -5.16
C ASN B 92 3.84 10.20 -6.33
N TYR B 93 3.87 8.84 -6.19
CA TYR B 93 4.49 7.98 -7.22
C TYR B 93 3.53 6.92 -7.70
N LEU B 94 3.79 6.45 -8.90
CA LEU B 94 3.07 5.30 -9.48
C LEU B 94 4.14 4.26 -9.84
N PHE B 95 3.88 3.02 -9.53
CA PHE B 95 4.77 1.87 -9.86
C PHE B 95 4.06 1.06 -10.94
N HIS B 96 4.55 1.11 -12.15
CA HIS B 96 3.93 0.47 -13.27
C HIS B 96 4.71 -0.78 -13.69
N TYR B 97 4.01 -1.87 -13.97
CA TYR B 97 4.74 -2.96 -14.59
C TYR B 97 3.96 -3.81 -15.57
N ILE B 98 4.72 -4.40 -16.46
CA ILE B 98 4.25 -5.51 -17.24
C ILE B 98 5.06 -6.74 -16.84
N CYS B 99 4.34 -7.83 -16.51
CA CYS B 99 4.95 -9.13 -16.42
C CYS B 99 4.57 -10.01 -17.64
N GLN B 100 5.59 -10.51 -18.32
CA GLN B 100 5.41 -11.38 -19.45
C GLN B 100 6.49 -12.47 -19.44
N ASP B 101 6.00 -13.71 -19.41
CA ASP B 101 6.85 -14.93 -19.38
C ASP B 101 7.74 -14.90 -18.17
N ARG B 102 7.14 -14.60 -17.03
CA ARG B 102 7.85 -14.52 -15.74
C ARG B 102 8.83 -13.32 -15.56
N ILE B 103 9.15 -12.64 -16.67
CA ILE B 103 9.96 -11.41 -16.66
C ILE B 103 9.15 -10.09 -16.42
N VAL B 104 9.61 -9.28 -15.44
CA VAL B 104 8.92 -8.06 -15.01
C VAL B 104 9.67 -6.85 -15.54
N TYR B 105 8.90 -5.97 -16.19
CA TYR B 105 9.40 -4.70 -16.63
C TYR B 105 8.70 -3.65 -15.78
N LEU B 106 9.47 -2.88 -15.00
CA LEU B 106 8.89 -2.00 -14.00
C LEU B 106 9.49 -0.57 -14.08
N CYS B 107 8.64 0.44 -13.92
CA CYS B 107 9.14 1.77 -13.82
C CYS B 107 8.31 2.56 -12.81
N ILE B 108 8.95 3.58 -12.24
CA ILE B 108 8.36 4.40 -11.22
C ILE B 108 8.22 5.84 -11.78
N THR B 109 7.02 6.43 -11.71
CA THR B 109 6.77 7.80 -12.21
C THR B 109 6.44 8.73 -11.08
N ASP B 110 6.87 10.01 -11.22
CA ASP B 110 6.62 11.08 -10.24
C ASP B 110 5.36 11.83 -10.71
N ASP B 111 4.31 11.92 -9.89
CA ASP B 111 2.98 12.43 -10.38
C ASP B 111 3.07 13.92 -10.81
N ASP B 112 4.06 14.66 -10.28
CA ASP B 112 4.23 16.08 -10.54
C ASP B 112 4.81 16.34 -11.92
N PHE B 113 5.46 15.34 -12.48
CA PHE B 113 6.30 15.64 -13.65
C PHE B 113 5.48 15.44 -14.91
N GLU B 114 6.04 15.84 -16.02
CA GLU B 114 5.34 15.82 -17.28
C GLU B 114 5.14 14.38 -17.69
N ARG B 115 3.96 14.19 -18.24
CA ARG B 115 3.42 12.93 -18.63
C ARG B 115 4.41 12.03 -19.35
N SER B 116 4.66 10.85 -18.82
CA SER B 116 5.37 9.82 -19.55
C SER B 116 4.38 8.73 -19.88
N ARG B 117 4.49 8.12 -21.05
CA ARG B 117 3.61 6.99 -21.35
C ARG B 117 4.32 5.75 -20.79
N ALA B 118 4.13 5.48 -19.50
CA ALA B 118 4.84 4.36 -18.83
C ALA B 118 4.73 2.99 -19.59
N PHE B 119 3.55 2.63 -20.07
CA PHE B 119 3.36 1.29 -20.63
C PHE B 119 3.91 1.18 -22.02
N SER B 120 3.91 2.30 -22.72
CA SER B 120 4.53 2.35 -24.00
C SER B 120 6.05 2.28 -23.80
N PHE B 121 6.57 2.88 -22.74
CA PHE B 121 8.04 2.75 -22.53
C PHE B 121 8.45 1.31 -22.16
N LEU B 122 7.71 0.71 -21.24
CA LEU B 122 7.95 -0.64 -20.80
C LEU B 122 7.88 -1.59 -21.98
N ASN B 123 6.86 -1.43 -22.84
CA ASN B 123 6.80 -2.21 -24.12
C ASN B 123 8.03 -2.02 -24.97
N GLU B 124 8.50 -0.80 -25.22
CA GLU B 124 9.73 -0.69 -26.02
C GLU B 124 10.91 -1.36 -25.31
N VAL B 125 10.99 -1.20 -23.98
CA VAL B 125 12.08 -1.80 -23.20
C VAL B 125 12.07 -3.33 -23.36
N LYS B 126 10.90 -3.92 -23.16
CA LYS B 126 10.72 -5.36 -23.23
C LYS B 126 11.16 -5.83 -24.62
N LYS B 127 10.68 -5.15 -25.64
CA LYS B 127 11.04 -5.63 -26.98
C LYS B 127 12.50 -5.70 -27.19
N ARG B 128 13.23 -4.68 -26.74
CA ARG B 128 14.67 -4.61 -26.99
C ARG B 128 15.41 -5.60 -26.10
N PHE B 129 14.80 -5.90 -24.95
CA PHE B 129 15.37 -6.87 -24.02
C PHE B 129 15.11 -8.28 -24.52
N GLN B 130 13.87 -8.56 -24.92
CA GLN B 130 13.56 -9.88 -25.51
C GLN B 130 14.44 -10.21 -26.74
N THR B 131 14.60 -9.25 -27.64
CA THR B 131 15.52 -9.35 -28.80
C THR B 131 17.00 -9.59 -28.43
N THR B 132 17.55 -8.78 -27.54
CA THR B 132 19.00 -8.85 -27.24
C THR B 132 19.35 -10.15 -26.51
N TYR B 133 18.49 -10.55 -25.55
CA TYR B 133 18.78 -11.64 -24.61
C TYR B 133 17.83 -12.84 -24.71
N GLY B 134 16.59 -12.56 -25.10
CA GLY B 134 15.54 -13.58 -25.03
C GLY B 134 15.56 -14.38 -23.72
N SER B 135 15.48 -15.71 -23.85
CA SER B 135 15.40 -16.63 -22.69
C SER B 135 16.70 -16.78 -21.85
N ARG B 136 17.80 -16.16 -22.30
CA ARG B 136 18.95 -15.98 -21.39
C ARG B 136 18.58 -15.15 -20.13
N ALA B 137 17.46 -14.43 -20.19
CA ALA B 137 16.92 -13.67 -19.05
C ALA B 137 16.44 -14.64 -17.98
N GLN B 138 16.11 -15.85 -18.42
CA GLN B 138 15.46 -16.86 -17.55
C GLN B 138 16.49 -17.41 -16.62
N THR B 139 17.74 -17.22 -17.01
CA THR B 139 18.83 -17.95 -16.37
C THR B 139 19.82 -17.06 -15.61
N ALA B 140 20.10 -15.87 -16.17
CA ALA B 140 21.14 -14.96 -15.67
C ALA B 140 21.17 -14.70 -14.17
N LEU B 141 22.35 -14.40 -13.65
CA LEU B 141 22.52 -13.88 -12.28
C LEU B 141 21.98 -12.45 -12.18
N PRO B 142 21.64 -12.02 -10.94
CA PRO B 142 21.30 -10.62 -10.63
C PRO B 142 22.32 -9.73 -11.29
N TYR B 143 21.83 -8.78 -12.04
CA TYR B 143 22.63 -7.74 -12.68
C TYR B 143 23.39 -8.24 -13.88
N ALA B 144 23.16 -9.45 -14.30
CA ALA B 144 24.00 -9.97 -15.43
C ALA B 144 23.89 -9.14 -16.72
N MET B 145 22.84 -8.32 -16.87
CA MET B 145 22.81 -7.44 -18.06
C MET B 145 22.89 -5.96 -17.78
N ASN B 146 23.27 -5.59 -16.56
CA ASN B 146 23.25 -4.20 -16.16
C ASN B 146 24.16 -3.28 -16.99
N SER B 147 25.40 -3.69 -17.25
CA SER B 147 26.36 -2.82 -17.96
C SER B 147 25.84 -2.43 -19.33
N GLU B 148 25.34 -3.40 -20.09
CA GLU B 148 24.91 -3.01 -21.41
C GLU B 148 23.50 -2.40 -21.45
N PHE B 149 22.57 -3.01 -20.76
CA PHE B 149 21.20 -2.63 -20.85
C PHE B 149 20.76 -1.38 -20.12
N SER B 150 21.44 -1.04 -19.04
CA SER B 150 21.25 0.23 -18.39
C SER B 150 21.18 1.42 -19.38
N SER B 151 22.17 1.54 -20.26
CA SER B 151 22.23 2.70 -21.13
C SER B 151 21.14 2.62 -22.19
N VAL B 152 20.69 1.39 -22.47
CA VAL B 152 19.54 1.17 -23.33
C VAL B 152 18.27 1.73 -22.69
N LEU B 153 18.02 1.39 -21.42
CA LEU B 153 16.96 1.99 -20.58
C LEU B 153 17.00 3.52 -20.54
N ALA B 154 18.18 4.09 -20.29
CA ALA B 154 18.38 5.55 -20.35
C ALA B 154 18.03 6.15 -21.73
N ALA B 155 18.30 5.39 -22.81
CA ALA B 155 18.10 5.83 -24.21
C ALA B 155 16.68 5.72 -24.80
N GLN B 156 15.95 4.65 -24.45
CA GLN B 156 14.49 4.61 -24.78
C GLN B 156 13.82 5.95 -24.41
N LEU B 157 14.21 6.46 -23.26
CA LEU B 157 13.68 7.66 -22.68
C LEU B 157 14.55 8.89 -22.95
N THR C 21 -13.75 -19.93 -3.26
CA THR C 21 -12.43 -19.30 -2.84
C THR C 21 -12.56 -17.87 -2.33
N PRO C 22 -13.70 -17.20 -2.59
CA PRO C 22 -13.87 -15.99 -1.81
C PRO C 22 -13.64 -16.32 -0.35
N GLU C 23 -13.09 -15.40 0.43
CA GLU C 23 -12.91 -15.63 1.88
C GLU C 23 -14.25 -15.73 2.57
N VAL C 24 -14.24 -16.33 3.75
CA VAL C 24 -15.33 -16.18 4.65
C VAL C 24 -14.93 -15.52 5.97
N LYS C 25 -15.52 -14.34 6.18
CA LYS C 25 -15.38 -13.55 7.38
C LYS C 25 -16.64 -13.75 8.22
N PRO C 26 -16.53 -13.54 9.52
CA PRO C 26 -17.67 -13.46 10.42
C PRO C 26 -18.43 -12.14 10.19
N LEU C 27 -19.77 -12.21 10.15
CA LEU C 27 -20.57 -10.99 9.88
C LEU C 27 -20.26 -9.87 10.85
N LYS C 28 -20.07 -10.24 12.12
CA LYS C 28 -19.70 -9.27 13.16
C LYS C 28 -18.55 -8.39 12.74
N SER C 29 -17.63 -8.86 11.89
CA SER C 29 -16.57 -7.95 11.37
C SER C 29 -17.09 -6.76 10.56
N LEU C 30 -18.30 -6.86 10.02
CA LEU C 30 -18.92 -5.76 9.25
C LEU C 30 -19.94 -4.95 10.06
N LEU C 31 -20.65 -5.63 10.95
CA LEU C 31 -21.82 -5.05 11.62
C LEU C 31 -21.77 -4.97 13.16
N GLY C 32 -20.77 -5.63 13.76
CA GLY C 32 -20.42 -5.47 15.17
C GLY C 32 -21.22 -6.30 16.15
N ASP C 33 -21.55 -5.67 17.28
CA ASP C 33 -22.43 -6.28 18.29
C ASP C 33 -23.85 -6.44 17.73
N SER C 34 -24.24 -5.46 16.91
CA SER C 34 -25.58 -5.33 16.36
C SER C 34 -25.82 -6.12 15.06
N ALA C 35 -25.06 -7.20 14.88
CA ALA C 35 -25.25 -8.09 13.73
C ALA C 35 -26.62 -8.78 13.83
N PRO C 36 -27.53 -8.39 12.94
CA PRO C 36 -28.90 -8.85 13.03
C PRO C 36 -28.97 -10.36 13.01
N THR C 37 -29.99 -10.90 13.66
CA THR C 37 -30.17 -12.32 13.58
C THR C 37 -31.35 -12.60 12.69
N LEU C 38 -31.17 -13.58 11.83
CA LEU C 38 -32.24 -14.13 11.07
C LEU C 38 -33.04 -14.96 12.06
N HIS C 39 -34.36 -14.85 11.98
CA HIS C 39 -35.25 -15.71 12.71
C HIS C 39 -36.17 -16.20 11.64
N LEU C 40 -36.02 -17.47 11.26
CA LEU C 40 -36.89 -18.11 10.27
C LEU C 40 -38.22 -18.67 10.81
N ASN C 41 -39.07 -19.12 9.87
CA ASN C 41 -40.45 -19.59 10.08
C ASN C 41 -41.39 -18.97 9.05
N MET C 44 -34.15 -26.96 2.38
CA MET C 44 -33.59 -25.62 2.27
C MET C 44 -32.17 -25.51 1.59
N ALA C 45 -32.16 -25.32 0.26
CA ALA C 45 -30.96 -24.97 -0.53
C ALA C 45 -30.67 -23.44 -0.44
N ILE C 46 -30.75 -22.71 -1.55
CA ILE C 46 -30.70 -21.25 -1.48
C ILE C 46 -31.98 -20.72 -0.84
N LEU C 47 -31.88 -20.15 0.35
CA LEU C 47 -33.00 -19.58 1.06
C LEU C 47 -33.55 -18.22 0.58
N PHE C 48 -32.82 -17.51 -0.30
CA PHE C 48 -33.09 -16.06 -0.52
C PHE C 48 -31.98 -15.49 -1.37
N ALA C 49 -32.38 -14.81 -2.45
CA ALA C 49 -31.50 -14.12 -3.35
C ALA C 49 -32.04 -12.69 -3.71
N VAL C 50 -31.12 -11.74 -4.00
CA VAL C 50 -31.47 -10.38 -4.38
C VAL C 50 -30.48 -9.84 -5.34
N VAL C 51 -30.94 -8.85 -6.10
CA VAL C 51 -30.12 -7.97 -6.91
C VAL C 51 -30.41 -6.55 -6.39
N ALA C 52 -29.36 -5.80 -6.06
CA ALA C 52 -29.49 -4.55 -5.33
C ALA C 52 -28.39 -3.48 -5.60
N ARG C 53 -28.73 -2.20 -5.44
CA ARG C 53 -27.80 -1.05 -5.52
C ARG C 53 -27.78 -0.35 -4.15
N GLY C 54 -26.62 -0.32 -3.53
CA GLY C 54 -26.62 0.22 -2.21
C GLY C 54 -27.72 -0.59 -1.54
N THR C 55 -28.66 0.11 -0.89
CA THR C 55 -29.72 -0.53 -0.11
C THR C 55 -30.99 -0.77 -0.98
N THR C 56 -30.88 -0.51 -2.27
CA THR C 56 -32.00 -0.50 -3.16
C THR C 56 -32.11 -1.86 -3.88
N ILE C 57 -33.06 -2.68 -3.42
CA ILE C 57 -33.30 -4.00 -3.95
C ILE C 57 -34.09 -3.84 -5.23
N LEU C 58 -33.52 -4.30 -6.36
CA LEU C 58 -34.16 -4.22 -7.67
C LEU C 58 -34.96 -5.45 -8.04
N ALA C 59 -34.68 -6.58 -7.38
CA ALA C 59 -35.39 -7.83 -7.65
C ALA C 59 -34.97 -8.80 -6.57
N LYS C 60 -35.89 -9.67 -6.17
CA LYS C 60 -35.65 -10.58 -5.06
C LYS C 60 -36.55 -11.83 -5.15
N HIS C 61 -36.12 -12.91 -4.49
CA HIS C 61 -36.90 -14.15 -4.40
C HIS C 61 -36.59 -14.80 -3.09
N ALA C 62 -37.63 -15.17 -2.33
CA ALA C 62 -37.48 -16.01 -1.15
C ALA C 62 -38.03 -17.43 -1.38
N TRP C 63 -37.63 -18.37 -0.52
CA TRP C 63 -37.87 -19.82 -0.76
C TRP C 63 -38.37 -20.31 0.55
N CYS C 64 -38.61 -19.38 1.47
CA CYS C 64 -39.21 -19.72 2.72
C CYS C 64 -39.39 -18.40 3.42
N GLY C 65 -39.58 -18.39 4.73
CA GLY C 65 -40.01 -17.17 5.34
C GLY C 65 -39.31 -16.82 6.62
N GLY C 66 -39.30 -15.52 6.92
CA GLY C 66 -38.57 -14.95 8.02
C GLY C 66 -38.06 -13.61 7.50
N ASN C 67 -37.15 -13.01 8.26
CA ASN C 67 -36.88 -11.59 8.22
C ASN C 67 -35.68 -11.22 7.33
N PHE C 68 -35.61 -11.89 6.17
CA PHE C 68 -34.56 -11.71 5.22
C PHE C 68 -34.39 -10.27 4.76
N LEU C 69 -35.49 -9.66 4.34
CA LEU C 69 -35.41 -8.34 3.80
C LEU C 69 -34.76 -7.46 4.85
N GLU C 70 -35.27 -7.51 6.05
CA GLU C 70 -34.81 -6.62 7.09
C GLU C 70 -33.29 -6.86 7.39
N VAL C 71 -32.89 -8.12 7.43
CA VAL C 71 -31.49 -8.48 7.73
C VAL C 71 -30.58 -8.07 6.60
N THR C 72 -30.91 -8.50 5.39
CA THR C 72 -30.21 -8.13 4.16
C THR C 72 -29.94 -6.64 3.96
N GLU C 73 -30.91 -5.80 4.27
CA GLU C 73 -30.78 -4.38 4.02
C GLU C 73 -29.66 -3.83 4.91
N GLN C 74 -29.62 -4.22 6.18
CA GLN C 74 -28.52 -3.86 7.14
C GLN C 74 -27.14 -4.28 6.65
N ILE C 75 -27.08 -5.38 5.86
CA ILE C 75 -25.82 -5.85 5.34
C ILE C 75 -25.49 -5.04 4.15
N LEU C 76 -26.48 -4.85 3.29
CA LEU C 76 -26.27 -4.10 2.05
C LEU C 76 -25.85 -2.63 2.33
N ALA C 77 -26.26 -2.15 3.50
CA ALA C 77 -26.02 -0.80 3.99
C ALA C 77 -24.53 -0.58 4.28
N LYS C 78 -23.83 -1.61 4.70
CA LYS C 78 -22.45 -1.43 5.10
C LYS C 78 -21.49 -2.01 4.08
N ILE C 79 -21.98 -2.77 3.07
CA ILE C 79 -21.16 -3.35 1.99
C ILE C 79 -20.70 -2.23 1.05
N PRO C 80 -19.40 -2.18 0.73
CA PRO C 80 -18.92 -1.06 -0.07
C PRO C 80 -19.26 -1.35 -1.50
N SER C 81 -19.11 -0.36 -2.39
CA SER C 81 -19.59 -0.46 -3.80
C SER C 81 -18.54 -0.98 -4.72
N GLU C 82 -17.37 -1.16 -4.10
CA GLU C 82 -16.19 -1.74 -4.75
C GLU C 82 -16.45 -3.11 -5.40
N ASN C 83 -15.87 -3.38 -6.56
CA ASN C 83 -15.96 -4.74 -7.07
C ASN C 83 -15.40 -5.72 -6.03
N ASN C 84 -16.00 -6.90 -5.93
CA ASN C 84 -15.68 -7.81 -4.83
C ASN C 84 -16.54 -9.04 -4.77
N LYS C 85 -16.05 -10.02 -4.02
CA LYS C 85 -16.79 -11.27 -3.72
C LYS C 85 -16.39 -11.66 -2.35
N LEU C 86 -17.35 -12.10 -1.57
CA LEU C 86 -17.10 -12.45 -0.21
C LEU C 86 -18.28 -13.26 0.31
N THR C 87 -18.06 -13.96 1.43
CA THR C 87 -19.13 -14.56 2.18
C THR C 87 -19.01 -14.11 3.58
N TYR C 88 -20.13 -13.76 4.20
CA TYR C 88 -20.16 -13.58 5.61
C TYR C 88 -20.88 -14.72 6.28
N SER C 89 -20.60 -14.90 7.57
CA SER C 89 -21.04 -16.01 8.33
C SER C 89 -21.69 -15.37 9.53
N HIS C 90 -22.92 -15.78 9.87
CA HIS C 90 -23.51 -15.41 11.18
C HIS C 90 -24.36 -16.56 11.74
N GLY C 91 -24.16 -16.82 13.04
CA GLY C 91 -24.57 -18.09 13.65
C GLY C 91 -24.64 -19.19 12.60
N ASN C 92 -25.86 -19.64 12.35
CA ASN C 92 -26.13 -20.85 11.55
C ASN C 92 -26.00 -20.69 10.04
N TYR C 93 -26.15 -19.46 9.55
CA TYR C 93 -26.21 -19.24 8.09
C TYR C 93 -24.98 -18.44 7.66
N LEU C 94 -24.85 -18.37 6.33
CA LEU C 94 -23.90 -17.64 5.52
C LEU C 94 -24.60 -16.76 4.44
N PHE C 95 -24.07 -15.54 4.23
CA PHE C 95 -24.46 -14.62 3.13
C PHE C 95 -23.39 -14.37 2.05
N HIS C 96 -23.65 -14.77 0.82
CA HIS C 96 -22.69 -14.76 -0.24
C HIS C 96 -23.01 -13.63 -1.14
N TYR C 97 -21.98 -12.89 -1.58
CA TYR C 97 -22.20 -11.84 -2.59
C TYR C 97 -21.09 -11.59 -3.58
N ILE C 98 -21.51 -11.24 -4.79
CA ILE C 98 -20.70 -10.62 -5.81
C ILE C 98 -21.18 -9.20 -5.98
N CYS C 99 -20.24 -8.26 -6.01
CA CYS C 99 -20.52 -6.89 -6.42
C CYS C 99 -19.73 -6.59 -7.70
N GLN C 100 -20.40 -5.89 -8.60
CA GLN C 100 -19.88 -5.56 -9.89
C GLN C 100 -20.57 -4.25 -10.22
N ASP C 101 -19.79 -3.21 -10.53
CA ASP C 101 -20.36 -1.94 -11.05
C ASP C 101 -21.33 -1.19 -10.09
N ARG C 102 -21.18 -1.48 -8.80
CA ARG C 102 -21.99 -0.92 -7.70
C ARG C 102 -23.32 -1.68 -7.55
N ILE C 103 -23.51 -2.74 -8.35
CA ILE C 103 -24.63 -3.71 -8.22
C ILE C 103 -24.25 -5.02 -7.47
N VAL C 104 -24.87 -5.24 -6.30
CA VAL C 104 -24.78 -6.46 -5.52
C VAL C 104 -25.73 -7.63 -5.92
N TYR C 105 -25.16 -8.81 -6.13
CA TYR C 105 -25.93 -10.03 -6.30
C TYR C 105 -25.61 -10.93 -5.08
N LEU C 106 -26.61 -11.19 -4.22
CA LEU C 106 -26.37 -11.76 -2.89
C LEU C 106 -27.34 -12.94 -2.66
N CYS C 107 -26.92 -13.96 -1.89
CA CYS C 107 -27.85 -15.03 -1.43
C CYS C 107 -27.49 -15.58 -0.05
N ILE C 108 -28.50 -16.15 0.59
CA ILE C 108 -28.37 -16.64 1.94
C ILE C 108 -28.69 -18.15 1.98
N THR C 109 -27.83 -18.89 2.69
CA THR C 109 -27.92 -20.38 2.86
C THR C 109 -27.58 -20.64 4.32
N ASP C 110 -27.29 -21.87 4.69
CA ASP C 110 -26.81 -22.02 6.08
C ASP C 110 -25.42 -22.56 6.11
N ASP C 111 -24.89 -22.60 7.33
CA ASP C 111 -23.53 -23.13 7.63
C ASP C 111 -23.09 -24.19 6.61
N ASP C 112 -23.92 -25.20 6.35
CA ASP C 112 -23.51 -26.34 5.51
C ASP C 112 -23.52 -26.17 3.97
N PHE C 113 -24.19 -25.15 3.42
CA PHE C 113 -24.23 -25.08 1.94
C PHE C 113 -22.81 -25.10 1.29
N GLU C 114 -22.70 -25.68 0.10
CA GLU C 114 -21.42 -25.71 -0.61
C GLU C 114 -21.01 -24.41 -1.29
N ARG C 115 -20.17 -23.68 -0.54
CA ARG C 115 -19.75 -22.34 -0.88
C ARG C 115 -19.35 -22.17 -2.33
N SER C 116 -19.26 -23.27 -3.07
CA SER C 116 -18.80 -23.25 -4.45
C SER C 116 -19.94 -22.99 -5.42
N ARG C 117 -21.12 -23.54 -5.14
CA ARG C 117 -22.25 -23.37 -6.11
C ARG C 117 -22.91 -21.99 -6.04
N ALA C 118 -23.24 -21.58 -4.81
CA ALA C 118 -23.56 -20.17 -4.51
C ALA C 118 -22.94 -19.23 -5.56
N PHE C 119 -21.62 -19.27 -5.72
CA PHE C 119 -20.93 -18.35 -6.63
C PHE C 119 -21.08 -18.59 -8.15
N SER C 120 -21.37 -19.82 -8.58
CA SER C 120 -21.71 -20.08 -10.01
C SER C 120 -23.12 -19.54 -10.31
N PHE C 121 -24.02 -19.81 -9.39
CA PHE C 121 -25.32 -19.14 -9.37
C PHE C 121 -25.27 -17.60 -9.51
N LEU C 122 -24.66 -16.94 -8.51
CA LEU C 122 -24.58 -15.50 -8.53
C LEU C 122 -23.93 -15.07 -9.82
N ASN C 123 -23.10 -15.95 -10.39
CA ASN C 123 -22.36 -15.60 -11.60
C ASN C 123 -23.18 -15.54 -12.88
N GLU C 124 -24.12 -16.47 -13.00
CA GLU C 124 -24.97 -16.47 -14.17
C GLU C 124 -25.95 -15.29 -14.06
N VAL C 125 -26.46 -15.11 -12.84
CA VAL C 125 -27.31 -14.01 -12.48
C VAL C 125 -26.66 -12.67 -12.88
N LYS C 126 -25.40 -12.45 -12.51
CA LYS C 126 -24.62 -11.26 -12.91
C LYS C 126 -24.84 -10.81 -14.36
N LYS C 127 -24.45 -11.71 -15.28
CA LYS C 127 -24.43 -11.43 -16.71
C LYS C 127 -25.85 -11.24 -17.23
N ARG C 128 -26.78 -12.12 -16.83
CA ARG C 128 -28.23 -11.98 -17.17
C ARG C 128 -28.88 -10.61 -16.84
N PHE C 129 -28.41 -9.96 -15.78
CA PHE C 129 -28.97 -8.71 -15.31
C PHE C 129 -28.26 -7.51 -15.94
N GLN C 130 -26.94 -7.61 -16.11
CA GLN C 130 -26.19 -6.59 -16.84
C GLN C 130 -26.60 -6.57 -18.32
N THR C 131 -27.03 -7.74 -18.83
CA THR C 131 -27.35 -7.90 -20.26
C THR C 131 -28.66 -7.21 -20.64
N THR C 132 -29.71 -7.56 -19.92
CA THR C 132 -31.02 -6.98 -20.09
C THR C 132 -31.06 -5.51 -19.67
N TYR C 133 -30.49 -5.23 -18.52
CA TYR C 133 -30.77 -3.95 -17.91
C TYR C 133 -29.57 -2.96 -17.94
N GLY C 134 -28.36 -3.50 -17.83
CA GLY C 134 -27.15 -2.71 -17.93
C GLY C 134 -27.11 -1.40 -17.15
N SER C 135 -27.27 -0.30 -17.86
CA SER C 135 -27.06 1.00 -17.21
C SER C 135 -28.19 1.38 -16.23
N ARG C 136 -29.40 0.91 -16.54
CA ARG C 136 -30.65 1.14 -15.76
C ARG C 136 -30.50 1.01 -14.24
N ALA C 137 -29.61 0.11 -13.83
CA ALA C 137 -29.55 -0.28 -12.45
C ALA C 137 -29.00 0.85 -11.60
N GLN C 138 -28.26 1.78 -12.22
CA GLN C 138 -27.67 2.90 -11.46
C GLN C 138 -28.74 3.86 -11.06
N THR C 139 -29.88 3.75 -11.75
CA THR C 139 -31.01 4.69 -11.57
C THR C 139 -32.41 4.12 -11.27
N ALA C 140 -32.69 2.87 -11.65
CA ALA C 140 -34.03 2.26 -11.44
C ALA C 140 -34.50 2.27 -10.01
N LEU C 141 -35.82 2.20 -9.88
CA LEU C 141 -36.43 2.24 -8.56
C LEU C 141 -36.32 0.86 -7.91
N PRO C 142 -36.42 0.80 -6.61
CA PRO C 142 -36.63 -0.46 -5.95
C PRO C 142 -37.70 -1.31 -6.65
N TYR C 143 -37.38 -2.60 -6.84
CA TYR C 143 -38.31 -3.59 -7.36
C TYR C 143 -38.62 -3.36 -8.81
N ALA C 144 -38.07 -2.31 -9.38
CA ALA C 144 -38.29 -2.07 -10.82
C ALA C 144 -38.08 -3.27 -11.72
N MET C 145 -37.28 -4.24 -11.27
CA MET C 145 -37.08 -5.42 -12.08
C MET C 145 -37.73 -6.67 -11.51
N ASN C 146 -38.39 -6.56 -10.35
CA ASN C 146 -38.88 -7.72 -9.62
C ASN C 146 -39.77 -8.67 -10.45
N SER C 147 -40.97 -8.23 -10.88
CA SER C 147 -41.93 -9.15 -11.57
C SER C 147 -41.29 -9.89 -12.74
N GLU C 148 -40.54 -9.16 -13.58
CA GLU C 148 -39.86 -9.77 -14.71
C GLU C 148 -38.78 -10.68 -14.13
N PHE C 149 -37.56 -10.16 -14.03
CA PHE C 149 -36.38 -10.81 -13.38
C PHE C 149 -36.53 -11.75 -12.14
N SER C 150 -37.62 -11.69 -11.37
CA SER C 150 -37.81 -12.59 -10.19
C SER C 150 -37.87 -14.08 -10.52
N SER C 151 -38.67 -14.43 -11.53
CA SER C 151 -38.78 -15.82 -12.01
C SER C 151 -37.43 -16.27 -12.59
N VAL C 152 -36.78 -15.34 -13.29
CA VAL C 152 -35.40 -15.51 -13.78
C VAL C 152 -34.46 -15.91 -12.63
N LEU C 153 -34.80 -15.53 -11.38
CA LEU C 153 -34.02 -15.99 -10.21
C LEU C 153 -34.36 -17.38 -9.68
N ALA C 154 -35.30 -18.08 -10.30
CA ALA C 154 -35.62 -19.43 -9.82
C ALA C 154 -35.42 -20.49 -10.89
N THR D 21 -7.42 -5.96 27.18
CA THR D 21 -7.53 -6.80 25.92
C THR D 21 -6.61 -6.29 24.75
N PRO D 22 -5.63 -7.12 24.30
CA PRO D 22 -4.78 -6.63 23.18
C PRO D 22 -5.63 -6.31 21.93
N GLU D 23 -5.11 -5.37 21.14
CA GLU D 23 -5.74 -4.87 19.92
C GLU D 23 -5.84 -5.98 18.87
N VAL D 24 -6.88 -5.95 18.05
CA VAL D 24 -7.04 -6.86 16.92
C VAL D 24 -7.03 -6.03 15.64
N LYS D 25 -6.22 -6.43 14.65
CA LYS D 25 -6.10 -5.74 13.36
C LYS D 25 -6.32 -6.70 12.22
N PRO D 26 -6.82 -6.21 11.05
CA PRO D 26 -6.94 -7.18 9.96
C PRO D 26 -5.56 -7.66 9.48
N LEU D 27 -5.48 -8.88 8.94
CA LEU D 27 -4.17 -9.47 8.59
C LEU D 27 -3.68 -8.75 7.35
N LYS D 28 -4.60 -8.40 6.48
CA LYS D 28 -4.21 -7.64 5.31
C LYS D 28 -3.44 -6.34 5.69
N SER D 29 -3.58 -5.85 6.94
CA SER D 29 -2.88 -4.59 7.25
C SER D 29 -1.40 -4.86 7.43
N LEU D 30 -1.09 -6.10 7.78
CA LEU D 30 0.29 -6.57 7.88
C LEU D 30 0.77 -7.07 6.53
N LEU D 31 -0.01 -7.86 5.83
CA LEU D 31 0.55 -8.58 4.71
C LEU D 31 0.11 -8.16 3.34
N GLY D 32 -0.88 -7.26 3.23
CA GLY D 32 -1.53 -6.99 1.92
C GLY D 32 -2.69 -8.00 1.76
N ASP D 33 -3.40 -7.90 0.66
CA ASP D 33 -4.62 -8.63 0.33
C ASP D 33 -4.37 -10.08 -0.04
N SER D 34 -3.12 -10.49 -0.20
CA SER D 34 -2.96 -11.85 -0.62
C SER D 34 -2.38 -12.75 0.47
N ALA D 35 -2.59 -12.40 1.74
CA ALA D 35 -2.21 -13.33 2.84
C ALA D 35 -2.74 -14.73 2.53
N PRO D 36 -1.95 -15.81 2.76
CA PRO D 36 -2.59 -17.05 2.41
C PRO D 36 -3.78 -17.36 3.36
N THR D 37 -4.69 -18.18 2.89
CA THR D 37 -5.80 -18.66 3.69
C THR D 37 -5.43 -20.03 4.26
N LEU D 38 -5.96 -20.37 5.44
CA LEU D 38 -5.78 -21.70 6.02
C LEU D 38 -6.79 -22.68 5.43
N HIS D 39 -6.36 -23.83 4.95
CA HIS D 39 -7.35 -24.82 4.56
C HIS D 39 -7.24 -25.91 5.58
N LEU D 40 -8.34 -26.22 6.25
CA LEU D 40 -8.35 -27.22 7.30
C LEU D 40 -9.13 -28.48 6.86
N GLY D 43 -11.77 -29.72 16.42
CA GLY D 43 -12.71 -29.25 17.45
C GLY D 43 -12.07 -28.54 18.66
N MET D 44 -11.05 -27.74 18.40
CA MET D 44 -10.34 -27.06 19.50
C MET D 44 -10.43 -25.57 19.34
N ALA D 45 -10.39 -24.85 20.44
CA ALA D 45 -10.20 -23.42 20.33
C ALA D 45 -8.79 -23.21 19.73
N ILE D 46 -7.76 -23.80 20.34
CA ILE D 46 -6.38 -23.62 19.84
C ILE D 46 -5.98 -24.61 18.74
N LEU D 47 -5.78 -24.10 17.54
CA LEU D 47 -5.42 -24.91 16.36
C LEU D 47 -3.90 -25.22 16.22
N PHE D 48 -3.08 -24.26 16.60
CA PHE D 48 -1.67 -24.30 16.30
C PHE D 48 -0.94 -23.31 17.20
N ALA D 49 0.25 -23.71 17.61
CA ALA D 49 1.03 -22.80 18.40
C ALA D 49 2.50 -22.99 18.07
N VAL D 50 3.33 -21.96 18.30
CA VAL D 50 4.72 -21.96 17.84
C VAL D 50 5.48 -20.97 18.77
N VAL D 51 6.76 -21.28 19.03
CA VAL D 51 7.72 -20.38 19.65
C VAL D 51 8.81 -20.18 18.63
N ALA D 52 9.11 -18.91 18.30
CA ALA D 52 10.02 -18.57 17.21
C ALA D 52 10.91 -17.41 17.62
N ARG D 53 12.12 -17.38 17.07
CA ARG D 53 12.97 -16.20 17.13
C ARG D 53 13.01 -15.64 15.76
N GLY D 54 12.49 -14.44 15.59
CA GLY D 54 12.37 -13.89 14.30
C GLY D 54 11.55 -14.86 13.48
N THR D 55 12.04 -15.21 12.29
CA THR D 55 11.41 -16.21 11.46
C THR D 55 11.78 -17.68 11.76
N THR D 56 12.59 -17.88 12.79
CA THR D 56 13.12 -19.20 13.08
C THR D 56 12.27 -19.90 14.04
N ILE D 57 11.55 -20.93 13.59
CA ILE D 57 10.76 -21.68 14.56
C ILE D 57 11.67 -22.46 15.50
N LEU D 58 11.39 -22.37 16.79
CA LEU D 58 12.09 -23.10 17.81
C LEU D 58 11.32 -24.30 18.23
N ALA D 59 9.98 -24.17 18.28
CA ALA D 59 9.08 -25.28 18.63
C ALA D 59 7.66 -25.02 18.15
N LYS D 60 6.92 -26.09 17.85
CA LYS D 60 5.56 -25.88 17.36
C LYS D 60 4.73 -27.07 17.69
N HIS D 61 3.39 -26.91 17.64
CA HIS D 61 2.45 -28.02 17.79
C HIS D 61 1.14 -27.68 17.06
N ALA D 62 0.68 -28.64 16.29
CA ALA D 62 -0.57 -28.54 15.56
C ALA D 62 -1.57 -29.48 16.25
N TRP D 63 -2.78 -28.96 16.51
CA TRP D 63 -3.80 -29.84 17.02
C TRP D 63 -4.64 -30.37 15.88
N CYS D 64 -4.38 -29.98 14.66
CA CYS D 64 -5.11 -30.57 13.51
C CYS D 64 -4.44 -30.22 12.23
N GLY D 65 -4.88 -30.85 11.15
CA GLY D 65 -4.21 -30.70 9.87
C GLY D 65 -4.48 -29.30 9.36
N GLY D 66 -3.68 -28.83 8.41
CA GLY D 66 -3.76 -27.48 7.91
C GLY D 66 -2.40 -26.96 7.55
N ASN D 67 -2.40 -25.86 6.81
CA ASN D 67 -1.20 -25.29 6.24
C ASN D 67 -0.80 -24.12 7.12
N PHE D 68 -0.39 -24.41 8.36
CA PHE D 68 -0.12 -23.36 9.35
C PHE D 68 1.27 -22.69 9.24
N LEU D 69 2.25 -23.45 8.84
CA LEU D 69 3.63 -22.98 8.73
C LEU D 69 3.82 -21.87 7.75
N GLU D 70 3.25 -22.02 6.55
CA GLU D 70 3.42 -21.04 5.51
C GLU D 70 2.94 -19.62 5.94
N VAL D 71 1.66 -19.46 6.33
CA VAL D 71 1.20 -18.13 6.82
C VAL D 71 1.95 -17.66 7.99
N THR D 72 2.24 -18.58 8.89
CA THR D 72 2.82 -18.18 10.13
C THR D 72 4.17 -17.51 9.85
N GLU D 73 4.92 -18.08 8.89
CA GLU D 73 6.29 -17.59 8.60
C GLU D 73 6.14 -16.21 7.94
N GLN D 74 5.17 -16.08 7.03
CA GLN D 74 4.76 -14.76 6.53
C GLN D 74 4.51 -13.76 7.66
N ILE D 75 3.87 -14.17 8.74
CA ILE D 75 3.60 -13.20 9.78
C ILE D 75 4.87 -12.90 10.61
N LEU D 76 5.69 -13.93 10.86
CA LEU D 76 6.87 -13.78 11.66
C LEU D 76 7.88 -12.95 10.93
N ALA D 77 7.89 -13.03 9.60
CA ALA D 77 8.71 -12.19 8.74
C ALA D 77 8.41 -10.66 8.81
N LYS D 78 7.16 -10.26 9.11
CA LYS D 78 6.74 -8.82 9.01
C LYS D 78 6.55 -8.15 10.38
N ILE D 79 6.30 -8.90 11.44
CA ILE D 79 6.13 -8.31 12.75
C ILE D 79 7.45 -7.86 13.31
N PRO D 80 7.44 -6.83 14.18
CA PRO D 80 8.70 -6.29 14.69
C PRO D 80 9.15 -7.04 15.92
N SER D 81 10.43 -6.92 16.27
CA SER D 81 10.91 -7.54 17.53
C SER D 81 10.66 -6.83 18.86
N GLU D 82 10.02 -5.64 18.87
CA GLU D 82 9.74 -4.98 20.15
C GLU D 82 8.82 -5.85 21.00
N ASN D 83 8.95 -5.79 22.33
CA ASN D 83 7.97 -6.43 23.18
C ASN D 83 6.56 -5.92 22.82
N ASN D 84 5.63 -6.85 22.64
CA ASN D 84 4.29 -6.48 22.24
C ASN D 84 3.37 -7.64 22.32
N LYS D 85 2.08 -7.30 22.32
CA LYS D 85 1.00 -8.25 22.29
C LYS D 85 0.03 -7.75 21.23
N LEU D 86 -0.52 -8.65 20.42
CA LEU D 86 -1.36 -8.23 19.29
C LEU D 86 -2.14 -9.44 18.72
N THR D 87 -3.19 -9.15 17.93
CA THR D 87 -3.99 -10.19 17.39
C THR D 87 -4.28 -9.75 15.97
N TYR D 88 -4.15 -10.69 15.02
CA TYR D 88 -4.61 -10.44 13.67
C TYR D 88 -5.76 -11.36 13.30
N SER D 89 -6.57 -10.87 12.36
CA SER D 89 -7.77 -11.57 11.99
C SER D 89 -7.66 -11.79 10.53
N HIS D 90 -8.09 -12.96 10.10
CA HIS D 90 -8.17 -13.25 8.72
C HIS D 90 -9.16 -14.35 8.58
N GLY D 91 -10.11 -14.19 7.67
CA GLY D 91 -11.14 -15.25 7.44
C GLY D 91 -11.84 -15.56 8.74
N ASN D 92 -12.04 -16.87 8.98
CA ASN D 92 -12.58 -17.37 10.26
C ASN D 92 -11.60 -17.52 11.45
N TYR D 93 -10.41 -16.93 11.36
CA TYR D 93 -9.33 -17.17 12.32
C TYR D 93 -8.71 -15.90 12.93
N LEU D 94 -8.21 -16.10 14.14
CA LEU D 94 -7.40 -15.14 14.84
C LEU D 94 -5.96 -15.69 15.00
N PHE D 95 -4.97 -14.80 14.85
CA PHE D 95 -3.51 -15.02 15.02
C PHE D 95 -2.99 -14.17 16.19
N HIS D 96 -2.83 -14.80 17.35
CA HIS D 96 -2.42 -14.08 18.56
C HIS D 96 -0.96 -14.32 18.81
N TYR D 97 -0.31 -13.27 19.30
CA TYR D 97 1.02 -13.46 19.71
C TYR D 97 1.46 -12.52 20.80
N ILE D 98 2.43 -13.03 21.56
CA ILE D 98 3.24 -12.27 22.46
C ILE D 98 4.71 -12.28 21.97
N CYS D 99 5.31 -11.10 21.88
CA CYS D 99 6.71 -11.00 21.64
C CYS D 99 7.41 -10.43 22.91
N GLN D 100 8.61 -10.95 23.21
CA GLN D 100 9.31 -10.68 24.47
C GLN D 100 10.77 -11.09 24.37
N ASP D 101 11.64 -10.13 24.60
CA ASP D 101 13.09 -10.30 24.45
C ASP D 101 13.31 -11.07 23.17
N ARG D 102 12.67 -10.60 22.09
CA ARG D 102 12.93 -11.11 20.74
C ARG D 102 12.33 -12.51 20.40
N ILE D 103 11.69 -13.17 21.38
CA ILE D 103 10.97 -14.41 21.17
C ILE D 103 9.47 -14.21 20.96
N VAL D 104 8.93 -14.83 19.91
CA VAL D 104 7.48 -14.75 19.56
C VAL D 104 6.77 -16.03 20.01
N TYR D 105 5.72 -15.86 20.82
CA TYR D 105 4.84 -16.94 21.20
C TYR D 105 3.51 -16.69 20.48
N LEU D 106 3.21 -17.52 19.45
CA LEU D 106 2.00 -17.38 18.62
C LEU D 106 1.01 -18.56 18.66
N CYS D 107 -0.26 -18.27 18.54
CA CYS D 107 -1.24 -19.36 18.40
C CYS D 107 -2.35 -18.87 17.49
N ILE D 108 -3.02 -19.84 16.86
CA ILE D 108 -4.02 -19.58 15.86
C ILE D 108 -5.31 -20.21 16.41
N THR D 109 -6.35 -19.39 16.58
CA THR D 109 -7.66 -19.83 17.17
C THR D 109 -8.73 -19.71 16.11
N ASP D 110 -9.80 -20.45 16.32
CA ASP D 110 -10.89 -20.56 15.37
C ASP D 110 -12.09 -19.76 15.90
N ASP D 111 -12.57 -18.74 15.17
CA ASP D 111 -13.69 -17.85 15.63
C ASP D 111 -14.84 -18.58 16.33
N ASP D 112 -15.34 -19.63 15.66
CA ASP D 112 -16.43 -20.55 16.13
C ASP D 112 -16.45 -20.98 17.62
N PHE D 113 -15.32 -20.80 18.34
CA PHE D 113 -15.20 -21.16 19.77
C PHE D 113 -15.23 -19.94 20.75
N SER D 116 -11.86 -17.37 23.34
CA SER D 116 -11.05 -18.32 24.13
C SER D 116 -10.16 -17.55 25.12
N ARG D 117 -9.23 -18.24 25.82
CA ARG D 117 -8.10 -17.46 26.29
C ARG D 117 -6.71 -17.81 25.84
N ALA D 118 -6.54 -17.49 24.56
CA ALA D 118 -5.32 -17.51 23.83
C ALA D 118 -4.22 -16.85 24.63
N PHE D 119 -4.52 -15.72 25.23
CA PHE D 119 -3.47 -14.99 25.94
C PHE D 119 -2.96 -15.57 27.25
N SER D 120 -3.86 -16.20 28.05
CA SER D 120 -3.40 -16.81 29.33
C SER D 120 -2.50 -17.98 28.94
N PHE D 121 -2.99 -18.76 27.98
CA PHE D 121 -2.20 -19.81 27.36
C PHE D 121 -0.81 -19.33 26.90
N LEU D 122 -0.77 -18.24 26.12
CA LEU D 122 0.52 -17.81 25.60
C LEU D 122 1.46 -17.40 26.73
N ASN D 123 0.88 -16.77 27.76
CA ASN D 123 1.65 -16.51 29.00
C ASN D 123 2.24 -17.69 29.69
N GLU D 124 1.45 -18.73 29.91
CA GLU D 124 2.04 -19.93 30.49
C GLU D 124 3.25 -20.34 29.60
N VAL D 125 2.99 -20.50 28.32
CA VAL D 125 3.98 -21.04 27.42
C VAL D 125 5.27 -20.20 27.48
N LYS D 126 5.11 -18.88 27.55
CA LYS D 126 6.26 -17.99 27.66
C LYS D 126 7.12 -18.35 28.89
N LYS D 127 6.45 -18.51 30.04
CA LYS D 127 7.10 -18.69 31.35
C LYS D 127 7.97 -19.95 31.30
N ARG D 128 7.35 -21.04 30.86
CA ARG D 128 8.04 -22.32 30.68
C ARG D 128 9.24 -22.23 29.71
N PHE D 129 9.08 -21.50 28.62
CA PHE D 129 10.13 -21.49 27.62
C PHE D 129 11.39 -20.68 28.06
N GLN D 130 11.17 -19.52 28.69
CA GLN D 130 12.26 -18.65 29.19
C GLN D 130 13.01 -19.30 30.36
N THR D 131 12.24 -19.95 31.25
CA THR D 131 12.80 -20.64 32.40
C THR D 131 13.63 -21.85 31.91
N THR D 132 13.14 -22.55 30.91
CA THR D 132 13.85 -23.71 30.48
C THR D 132 15.07 -23.33 29.63
N TYR D 133 15.02 -22.24 28.88
CA TYR D 133 16.06 -22.08 27.87
C TYR D 133 16.88 -20.79 27.96
N GLY D 134 16.33 -19.78 28.62
CA GLY D 134 17.02 -18.51 28.66
C GLY D 134 17.60 -18.15 27.32
N SER D 135 18.89 -17.81 27.30
CA SER D 135 19.50 -17.20 26.12
C SER D 135 19.81 -18.21 24.99
N ARG D 136 19.64 -19.49 25.27
CA ARG D 136 19.70 -20.51 24.20
C ARG D 136 18.74 -20.13 23.05
N ALA D 137 17.67 -19.41 23.40
CA ALA D 137 16.62 -18.95 22.46
C ALA D 137 17.21 -18.03 21.41
N GLN D 138 18.23 -17.27 21.83
CA GLN D 138 18.80 -16.23 20.97
C GLN D 138 19.68 -16.85 19.92
N THR D 139 20.21 -18.02 20.24
CA THR D 139 21.28 -18.66 19.42
C THR D 139 20.82 -19.97 18.71
N ALA D 140 19.92 -20.73 19.34
CA ALA D 140 19.42 -22.06 18.83
C ALA D 140 19.11 -22.17 17.32
N LEU D 141 19.50 -23.30 16.73
CA LEU D 141 19.06 -23.73 15.39
C LEU D 141 17.53 -23.82 15.26
N PRO D 142 17.02 -23.64 14.05
CA PRO D 142 15.59 -23.93 13.87
C PRO D 142 15.20 -25.34 14.37
N TYR D 143 14.07 -25.39 15.10
CA TYR D 143 13.44 -26.59 15.71
C TYR D 143 14.27 -27.11 16.83
N ALA D 144 15.27 -26.32 17.22
CA ALA D 144 16.23 -26.78 18.25
C ALA D 144 15.59 -27.19 19.57
N MET D 145 14.39 -26.68 19.92
CA MET D 145 13.67 -27.08 21.19
C MET D 145 12.44 -28.00 20.93
N ASN D 146 12.35 -28.54 19.70
CA ASN D 146 11.04 -29.10 19.26
C ASN D 146 10.55 -30.36 19.98
N SER D 147 11.42 -31.38 20.10
CA SER D 147 11.05 -32.64 20.75
C SER D 147 10.64 -32.42 22.20
N GLU D 148 11.39 -31.61 22.94
CA GLU D 148 11.09 -31.45 24.36
C GLU D 148 9.88 -30.54 24.43
N PHE D 149 9.98 -29.34 23.84
CA PHE D 149 8.96 -28.30 24.08
C PHE D 149 7.59 -28.45 23.37
N SER D 150 7.55 -29.22 22.27
CA SER D 150 6.27 -29.49 21.61
C SER D 150 5.24 -30.20 22.53
N SER D 151 5.73 -31.14 23.35
CA SER D 151 4.89 -31.83 24.35
C SER D 151 4.54 -30.91 25.49
N VAL D 152 5.41 -29.96 25.85
CA VAL D 152 5.01 -28.96 26.86
C VAL D 152 3.81 -28.14 26.36
N LEU D 153 3.82 -27.83 25.05
CA LEU D 153 2.71 -27.14 24.40
C LEU D 153 1.43 -27.94 24.45
N ALA D 154 1.50 -29.24 24.18
CA ALA D 154 0.30 -30.07 24.24
C ALA D 154 -0.22 -30.16 25.69
N ALA D 155 0.73 -30.26 26.63
CA ALA D 155 0.41 -30.44 28.06
C ALA D 155 -0.37 -29.25 28.55
N GLN D 156 0.07 -28.07 28.12
CA GLN D 156 -0.44 -26.78 28.58
C GLN D 156 -1.84 -26.46 28.05
N LEU D 157 -2.30 -27.24 27.07
CA LEU D 157 -3.74 -27.33 26.79
C LEU D 157 -4.41 -28.42 27.69
N LYS D 158 -4.52 -28.12 28.99
CA LYS D 158 -5.28 -28.94 29.98
C LYS D 158 -5.44 -28.22 31.34
CL CL E . -1.24 4.70 -14.73
CL CL F . 6.29 25.69 -12.78
CL CL G . -7.69 -18.07 6.50
#